data_1DY8
#
_entry.id   1DY8
#
_cell.length_a   93.820
_cell.length_b   93.820
_cell.length_c   80.950
_cell.angle_alpha   90.00
_cell.angle_beta   90.00
_cell.angle_gamma   120.00
#
_symmetry.space_group_name_H-M   'P 61'
#
loop_
_entity.id
_entity.type
_entity.pdbx_description
1 polymer 'PROTEASE/HELICASE NS3 (P70)'
2 polymer 'NONSTRUCTURAL PROTEIN NS4A (P4)'
3 non-polymer N-[(benzyloxy)carbonyl]-L-isoleucyl-N-[(1R)-1-(carboxycarbonyl)-3,3-difluoropropyl]-L-leucinamide
4 water water
#
loop_
_entity_poly.entity_id
_entity_poly.type
_entity_poly.pdbx_seq_one_letter_code
_entity_poly.pdbx_strand_id
1 'polypeptide(L)'
;APITAYSQQTRGLLGCIITSLTGRDKNQVDGEVQVLSTATQSFLATCVNGVCWTVYHGAGSKTLAGPKGPITQMYTNVDQ
DLVGWPAPPGARSMTPCTCGSSDLYLVTRHADVIPVRRRGDSRGSLLSPRPVSYLKGSSGGPLLCPSGHVVGIFRAAVCT
RGVAKAVDFIPVESMETTMRSPVFTDN
;
A,B
2 'polypeptide(L)' KGSVVIVGRIILSGRK C,D
#
# COMPACT_ATOMS: atom_id res chain seq x y z
N ALA A 1 6.45 7.16 2.55
CA ALA A 1 7.19 6.26 1.61
C ALA A 1 8.55 5.91 2.18
N PRO A 2 8.92 4.63 2.12
CA PRO A 2 10.17 4.16 2.72
C PRO A 2 11.32 4.03 1.74
N ILE A 3 11.04 4.36 0.47
CA ILE A 3 12.11 4.55 -0.50
C ILE A 3 12.13 6.03 -0.83
N THR A 4 13.30 6.67 -0.81
CA THR A 4 13.26 8.13 -1.12
C THR A 4 13.99 8.35 -2.44
N ALA A 5 14.00 9.49 -3.07
CA ALA A 5 14.76 9.66 -4.32
C ALA A 5 14.91 11.16 -4.54
N TYR A 6 15.89 11.54 -5.34
CA TYR A 6 15.95 12.95 -5.77
C TYR A 6 16.53 13.03 -7.17
N SER A 7 16.20 13.98 -8.05
CA SER A 7 16.89 13.99 -9.34
C SER A 7 18.11 14.90 -9.38
N GLN A 8 18.88 14.80 -10.45
CA GLN A 8 19.91 15.76 -10.83
C GLN A 8 19.80 15.89 -12.35
N GLN A 9 19.52 17.04 -12.90
CA GLN A 9 19.53 17.21 -14.37
C GLN A 9 20.94 17.13 -14.92
N THR A 10 21.22 16.65 -16.14
CA THR A 10 22.61 16.59 -16.58
C THR A 10 22.83 17.41 -17.86
N ARG A 11 21.79 17.83 -18.54
CA ARG A 11 21.90 18.50 -19.82
C ARG A 11 20.66 19.40 -19.97
N GLY A 12 20.69 20.30 -20.94
CA GLY A 12 19.48 21.02 -21.35
C GLY A 12 19.21 20.79 -22.84
N LEU A 13 18.45 21.68 -23.48
CA LEU A 13 18.11 21.52 -24.89
C LEU A 13 19.32 21.40 -25.81
N LEU A 14 20.16 22.43 -25.91
CA LEU A 14 21.27 22.39 -26.86
C LEU A 14 22.08 21.11 -26.77
N GLY A 15 22.71 20.85 -25.64
CA GLY A 15 23.29 19.52 -25.39
C GLY A 15 22.40 18.36 -25.88
N CYS A 16 21.09 18.41 -25.69
CA CYS A 16 20.26 17.22 -25.90
C CYS A 16 20.12 17.05 -27.40
N ILE A 17 19.72 18.14 -28.06
CA ILE A 17 19.67 18.15 -29.52
C ILE A 17 20.99 17.67 -30.11
N ILE A 18 22.10 18.20 -29.58
CA ILE A 18 23.40 17.92 -30.21
C ILE A 18 23.82 16.48 -29.99
N THR A 19 23.63 15.99 -28.77
CA THR A 19 23.97 14.62 -28.41
C THR A 19 23.09 13.63 -29.15
N SER A 20 21.85 13.98 -29.51
CA SER A 20 21.01 13.07 -30.27
C SER A 20 21.55 12.86 -31.68
N LEU A 21 22.07 13.92 -32.27
CA LEU A 21 22.49 13.95 -33.67
C LEU A 21 23.79 13.17 -33.84
N THR A 22 24.64 13.24 -32.82
CA THR A 22 26.00 12.70 -32.96
C THR A 22 26.07 11.34 -32.32
N GLY A 23 25.24 11.18 -31.28
CA GLY A 23 25.06 9.91 -30.62
C GLY A 23 26.15 9.68 -29.60
N ARG A 24 26.90 10.75 -29.32
CA ARG A 24 28.07 10.55 -28.45
C ARG A 24 27.83 11.30 -27.14
N ASP A 25 27.82 10.57 -26.04
CA ASP A 25 27.61 11.14 -24.72
C ASP A 25 28.85 10.89 -23.85
N LYS A 26 29.53 11.93 -23.40
CA LYS A 26 30.70 11.69 -22.55
C LYS A 26 30.35 11.96 -21.09
N ASN A 27 29.09 12.29 -20.79
CA ASN A 27 28.72 12.58 -19.41
C ASN A 27 28.89 11.33 -18.53
N GLN A 28 29.33 11.58 -17.31
CA GLN A 28 29.25 10.60 -16.25
C GLN A 28 27.78 10.23 -16.01
N VAL A 29 27.52 8.93 -16.02
CA VAL A 29 26.21 8.40 -15.69
C VAL A 29 26.22 8.00 -14.22
N ASP A 30 25.10 8.21 -13.53
CA ASP A 30 24.91 7.63 -12.19
C ASP A 30 23.43 7.42 -11.93
N GLY A 31 23.10 6.71 -10.85
CA GLY A 31 21.69 6.59 -10.47
C GLY A 31 21.07 5.30 -11.00
N GLU A 32 19.97 4.89 -10.38
CA GLU A 32 19.22 3.72 -10.76
C GLU A 32 18.29 3.93 -11.95
N VAL A 33 17.99 5.19 -12.22
CA VAL A 33 16.98 5.55 -13.20
C VAL A 33 17.46 6.70 -14.07
N GLN A 34 17.50 6.50 -15.38
CA GLN A 34 17.98 7.54 -16.29
C GLN A 34 16.80 8.35 -16.82
N VAL A 35 16.93 9.67 -16.88
CA VAL A 35 15.81 10.47 -17.44
C VAL A 35 16.20 10.61 -18.89
N LEU A 36 15.28 10.35 -19.81
CA LEU A 36 15.67 10.33 -21.21
C LEU A 36 14.92 11.39 -22.00
N SER A 37 15.34 11.60 -23.24
CA SER A 37 14.74 12.62 -24.11
C SER A 37 15.19 12.32 -25.54
N THR A 38 14.25 12.30 -26.45
CA THR A 38 14.46 12.38 -27.88
C THR A 38 13.86 13.73 -28.33
N ALA A 39 13.61 13.92 -29.62
CA ALA A 39 13.00 15.13 -30.14
C ALA A 39 11.61 15.37 -29.53
N THR A 40 10.73 14.40 -29.72
CA THR A 40 9.29 14.51 -29.49
C THR A 40 8.80 13.90 -28.20
N GLN A 41 9.61 13.19 -27.42
CA GLN A 41 9.15 12.71 -26.13
C GLN A 41 10.17 12.53 -25.02
N SER A 42 9.59 12.62 -23.82
CA SER A 42 10.30 12.44 -22.57
C SER A 42 9.83 11.22 -21.79
N PHE A 43 10.80 10.57 -21.16
CA PHE A 43 10.51 9.29 -20.49
C PHE A 43 11.69 8.86 -19.62
N LEU A 44 11.59 7.66 -19.07
CA LEU A 44 12.55 7.11 -18.14
C LEU A 44 12.99 5.70 -18.58
N ALA A 45 14.19 5.38 -18.12
CA ALA A 45 14.78 4.06 -18.25
C ALA A 45 15.25 3.59 -16.86
N THR A 46 14.99 2.32 -16.60
CA THR A 46 15.28 1.73 -15.29
C THR A 46 16.39 0.71 -15.51
N CYS A 47 17.50 0.84 -14.82
CA CYS A 47 18.57 -0.17 -14.97
C CYS A 47 18.39 -1.33 -14.03
N VAL A 48 18.13 -2.49 -14.68
CA VAL A 48 18.04 -3.77 -13.97
C VAL A 48 19.02 -4.78 -14.53
N ASN A 49 19.70 -5.54 -13.68
CA ASN A 49 20.73 -6.50 -14.00
C ASN A 49 21.62 -6.01 -15.12
N GLY A 50 22.07 -4.77 -15.20
CA GLY A 50 23.05 -4.58 -16.29
C GLY A 50 22.46 -4.01 -17.54
N VAL A 51 21.13 -3.96 -17.62
CA VAL A 51 20.46 -3.40 -18.81
C VAL A 51 19.56 -2.24 -18.41
N CYS A 52 19.51 -1.20 -19.24
CA CYS A 52 18.63 -0.08 -19.11
C CYS A 52 17.39 -0.34 -19.99
N TRP A 53 16.28 -0.27 -19.32
CA TRP A 53 15.03 -0.83 -19.81
C TRP A 53 14.04 0.32 -19.93
N THR A 54 13.27 0.39 -20.99
CA THR A 54 12.27 1.45 -21.12
C THR A 54 11.16 1.00 -22.06
N VAL A 55 10.29 1.94 -22.38
CA VAL A 55 9.13 1.61 -23.21
C VAL A 55 9.44 1.75 -24.70
N TYR A 56 8.97 0.79 -25.49
CA TYR A 56 9.10 0.90 -26.94
C TYR A 56 8.36 2.10 -27.48
N HIS A 57 7.17 2.37 -26.94
CA HIS A 57 6.40 3.50 -27.44
C HIS A 57 7.15 4.80 -27.20
N GLY A 58 8.17 4.86 -26.34
CA GLY A 58 9.01 6.03 -26.25
C GLY A 58 10.24 5.94 -27.12
N ALA A 59 11.05 4.91 -26.91
CA ALA A 59 12.37 4.92 -27.58
C ALA A 59 12.22 4.47 -29.02
N GLY A 60 11.10 3.84 -29.37
CA GLY A 60 11.00 3.34 -30.76
C GLY A 60 12.14 2.30 -30.89
N SER A 61 12.90 2.36 -31.97
CA SER A 61 13.96 1.39 -32.21
C SER A 61 15.33 2.05 -32.18
N LYS A 62 15.44 3.15 -31.45
CA LYS A 62 16.60 4.00 -31.49
C LYS A 62 17.74 3.55 -30.58
N THR A 63 18.93 4.04 -30.95
CA THR A 63 20.11 3.82 -30.14
C THR A 63 20.01 4.81 -28.97
N LEU A 64 20.88 4.67 -27.97
CA LEU A 64 20.98 5.57 -26.83
C LEU A 64 22.33 6.26 -26.95
N ALA A 65 22.47 7.55 -26.85
CA ALA A 65 23.82 8.14 -26.88
C ALA A 65 24.69 7.58 -25.77
N GLY A 66 25.94 7.23 -26.05
CA GLY A 66 26.88 6.68 -25.06
C GLY A 66 28.29 7.21 -25.24
N PRO A 67 29.23 6.75 -24.41
CA PRO A 67 30.58 7.30 -24.32
C PRO A 67 31.45 6.99 -25.53
N LYS A 68 31.12 5.91 -26.24
CA LYS A 68 31.85 5.56 -27.45
C LYS A 68 30.98 5.60 -28.69
N GLY A 69 30.03 6.53 -28.80
CA GLY A 69 29.11 6.46 -29.93
C GLY A 69 27.84 5.71 -29.52
N PRO A 70 26.87 5.67 -30.45
CA PRO A 70 25.52 5.24 -30.11
C PRO A 70 25.44 3.78 -29.71
N ILE A 71 24.55 3.44 -28.78
CA ILE A 71 24.40 2.08 -28.28
C ILE A 71 23.15 1.41 -28.85
N THR A 72 23.38 0.28 -29.48
CA THR A 72 22.33 -0.53 -30.06
C THR A 72 21.54 -1.28 -29.00
N GLN A 73 20.21 -1.27 -29.14
CA GLN A 73 19.40 -2.14 -28.28
C GLN A 73 19.91 -3.56 -28.37
N MET A 74 20.01 -4.28 -27.27
CA MET A 74 20.13 -5.75 -27.23
C MET A 74 18.83 -6.46 -26.98
N TYR A 75 17.75 -5.67 -26.88
CA TYR A 75 16.43 -6.30 -26.69
C TYR A 75 15.37 -5.31 -27.17
N THR A 76 14.48 -5.79 -28.03
CA THR A 76 13.54 -4.92 -28.75
C THR A 76 12.28 -5.79 -28.89
N ASN A 77 11.24 -5.51 -28.14
CA ASN A 77 10.06 -6.36 -28.14
C ASN A 77 8.80 -5.51 -28.26
N VAL A 78 8.31 -5.38 -29.48
CA VAL A 78 7.23 -4.48 -29.82
C VAL A 78 5.93 -4.74 -29.07
N ASP A 79 5.54 -5.98 -28.91
CA ASP A 79 4.30 -6.39 -28.27
C ASP A 79 4.32 -6.15 -26.77
N GLN A 80 5.38 -6.59 -26.07
CA GLN A 80 5.47 -6.27 -24.65
C GLN A 80 5.83 -4.81 -24.41
N ASP A 81 6.02 -3.99 -25.43
CA ASP A 81 6.35 -2.57 -25.28
C ASP A 81 7.65 -2.33 -24.52
N LEU A 82 8.60 -3.26 -24.61
CA LEU A 82 9.84 -3.19 -23.86
C LEU A 82 11.06 -3.08 -24.76
N VAL A 83 12.00 -2.16 -24.51
CA VAL A 83 13.33 -2.22 -25.12
C VAL A 83 14.46 -2.13 -24.09
N GLY A 84 15.65 -2.59 -24.48
CA GLY A 84 16.81 -2.63 -23.58
C GLY A 84 18.09 -2.20 -24.28
N TRP A 85 18.96 -1.48 -23.60
CA TRP A 85 20.34 -1.24 -24.04
C TRP A 85 21.30 -1.67 -22.93
N PRO A 86 22.43 -2.30 -23.24
CA PRO A 86 23.51 -2.51 -22.26
C PRO A 86 23.63 -1.20 -21.49
N ALA A 87 23.50 -1.25 -20.18
CA ALA A 87 23.69 -0.03 -19.40
C ALA A 87 25.10 0.51 -19.60
N PRO A 88 25.25 1.79 -19.87
CA PRO A 88 26.58 2.42 -19.83
C PRO A 88 27.13 2.31 -18.42
N PRO A 89 28.44 2.50 -18.24
CA PRO A 89 29.10 2.27 -16.97
C PRO A 89 28.78 3.45 -16.05
N GLY A 90 28.56 3.20 -14.75
CA GLY A 90 28.12 4.33 -13.93
C GLY A 90 26.69 4.06 -13.46
N ALA A 91 25.86 3.41 -14.28
CA ALA A 91 24.47 3.26 -13.92
C ALA A 91 24.34 2.30 -12.75
N ARG A 92 23.60 2.63 -11.71
CA ARG A 92 23.40 1.72 -10.59
C ARG A 92 22.28 0.76 -10.94
N SER A 93 22.67 -0.48 -11.18
CA SER A 93 21.78 -1.56 -11.56
C SER A 93 21.01 -2.08 -10.35
N MET A 94 19.69 -2.14 -10.45
CA MET A 94 18.84 -2.67 -9.41
C MET A 94 18.60 -4.16 -9.53
N THR A 95 17.88 -4.73 -8.55
CA THR A 95 17.69 -6.18 -8.61
C THR A 95 16.19 -6.51 -8.66
N PRO A 96 15.85 -7.46 -9.51
CA PRO A 96 14.49 -7.92 -9.69
C PRO A 96 13.87 -8.44 -8.41
N CYS A 97 12.76 -7.85 -8.01
CA CYS A 97 12.08 -8.27 -6.79
C CYS A 97 11.29 -9.55 -7.04
N THR A 98 11.42 -10.44 -6.07
CA THR A 98 10.80 -11.77 -6.16
C THR A 98 9.96 -12.05 -4.93
N CYS A 99 10.07 -11.20 -3.89
CA CYS A 99 9.45 -11.51 -2.61
C CYS A 99 7.95 -11.74 -2.80
N GLY A 100 7.32 -10.86 -3.56
CA GLY A 100 5.92 -11.05 -3.96
C GLY A 100 5.02 -9.98 -3.37
N SER A 101 5.62 -8.87 -2.91
CA SER A 101 4.84 -7.86 -2.22
C SER A 101 3.73 -7.27 -3.09
N SER A 102 2.83 -6.56 -2.42
CA SER A 102 1.56 -6.15 -2.97
C SER A 102 1.42 -4.64 -2.83
N ASP A 103 2.24 -4.08 -1.95
CA ASP A 103 2.50 -2.67 -1.78
C ASP A 103 3.67 -2.27 -2.67
N LEU A 104 3.42 -1.51 -3.75
CA LEU A 104 4.50 -1.14 -4.66
C LEU A 104 4.62 0.38 -4.63
N TYR A 105 5.77 0.89 -5.04
CA TYR A 105 6.03 2.32 -5.11
C TYR A 105 6.56 2.67 -6.50
N LEU A 106 5.82 3.55 -7.15
CA LEU A 106 6.18 4.14 -8.42
C LEU A 106 7.05 5.38 -8.24
N VAL A 107 8.17 5.36 -8.95
CA VAL A 107 9.10 6.49 -8.95
C VAL A 107 8.87 7.29 -10.22
N THR A 108 8.48 8.55 -10.04
CA THR A 108 8.17 9.39 -11.21
C THR A 108 9.36 10.20 -11.67
N ARG A 109 9.21 10.89 -12.80
CA ARG A 109 10.32 11.67 -13.38
C ARG A 109 10.77 12.79 -12.46
N HIS A 110 9.89 13.31 -11.60
CA HIS A 110 10.17 14.38 -10.70
C HIS A 110 10.66 13.87 -9.33
N ALA A 111 10.96 12.58 -9.28
CA ALA A 111 11.50 11.95 -8.10
C ALA A 111 10.56 11.88 -6.91
N ASP A 112 9.25 11.90 -7.10
CA ASP A 112 8.32 11.33 -6.14
C ASP A 112 8.26 9.81 -6.12
N VAL A 113 8.07 9.29 -4.92
CA VAL A 113 7.76 7.89 -4.65
C VAL A 113 6.32 7.72 -4.20
N ILE A 114 5.45 7.21 -5.05
CA ILE A 114 4.02 7.11 -4.76
C ILE A 114 3.51 5.68 -4.67
N PRO A 115 2.56 5.47 -3.76
CA PRO A 115 2.06 4.14 -3.41
C PRO A 115 1.17 3.48 -4.43
N VAL A 116 1.50 2.24 -4.83
CA VAL A 116 0.59 1.52 -5.74
C VAL A 116 0.17 0.17 -5.15
N ARG A 117 -1.08 -0.20 -5.30
CA ARG A 117 -1.61 -1.48 -4.81
C ARG A 117 -1.61 -2.44 -5.98
N ARG A 118 -0.82 -3.51 -5.92
CA ARG A 118 -0.81 -4.41 -7.10
C ARG A 118 -2.12 -5.19 -7.18
N ARG A 119 -2.72 -5.13 -8.37
CA ARG A 119 -3.95 -5.84 -8.65
C ARG A 119 -3.85 -7.03 -9.60
N GLY A 120 -2.86 -7.08 -10.47
CA GLY A 120 -2.73 -8.23 -11.39
C GLY A 120 -1.24 -8.31 -11.75
N ASP A 121 -0.86 -9.14 -12.70
CA ASP A 121 0.57 -9.31 -12.98
C ASP A 121 1.16 -7.97 -13.42
N SER A 122 0.37 -7.19 -14.15
CA SER A 122 0.81 -6.00 -14.83
C SER A 122 -0.08 -4.80 -14.52
N ARG A 123 -0.97 -4.92 -13.54
CA ARG A 123 -1.72 -3.75 -13.09
C ARG A 123 -1.57 -3.45 -11.59
N GLY A 124 -1.75 -2.20 -11.23
CA GLY A 124 -1.74 -1.68 -9.88
C GLY A 124 -2.65 -0.45 -9.81
N SER A 125 -3.30 -0.23 -8.66
CA SER A 125 -4.07 1.01 -8.54
C SER A 125 -3.31 2.05 -7.72
N LEU A 126 -3.44 3.33 -8.06
CA LEU A 126 -2.99 4.38 -7.14
C LEU A 126 -3.80 4.47 -5.87
N LEU A 127 -3.24 4.21 -4.71
CA LEU A 127 -3.86 4.48 -3.41
C LEU A 127 -4.31 5.91 -3.34
N SER A 128 -3.62 6.88 -3.91
CA SER A 128 -4.14 8.24 -4.09
C SER A 128 -4.13 8.67 -5.55
N PRO A 129 -5.26 9.02 -6.15
CA PRO A 129 -5.31 9.39 -7.55
C PRO A 129 -4.43 10.58 -7.84
N ARG A 130 -3.85 10.64 -9.05
CA ARG A 130 -3.09 11.83 -9.42
C ARG A 130 -3.51 12.25 -10.81
N PRO A 131 -3.30 13.51 -11.15
CA PRO A 131 -3.53 13.95 -12.52
C PRO A 131 -2.66 13.12 -13.45
N VAL A 132 -3.16 12.71 -14.61
CA VAL A 132 -2.26 12.13 -15.61
C VAL A 132 -1.09 13.03 -15.91
N SER A 133 -1.23 14.36 -15.92
CA SER A 133 -0.17 15.25 -16.33
C SER A 133 1.05 15.16 -15.42
N TYR A 134 0.87 14.64 -14.23
CA TYR A 134 1.92 14.50 -13.24
C TYR A 134 2.73 13.23 -13.48
N LEU A 135 2.17 12.34 -14.30
CA LEU A 135 2.76 11.07 -14.69
C LEU A 135 3.44 11.07 -16.06
N LYS A 136 3.06 12.01 -16.90
CA LYS A 136 3.70 12.30 -18.18
C LYS A 136 5.21 12.42 -18.03
N GLY A 137 5.97 11.62 -18.77
CA GLY A 137 7.43 11.73 -18.73
C GLY A 137 8.01 10.72 -17.74
N SER A 138 7.10 9.96 -17.11
CA SER A 138 7.56 8.91 -16.19
C SER A 138 7.50 7.51 -16.78
N SER A 139 6.96 7.33 -17.98
CA SER A 139 6.93 6.00 -18.61
C SER A 139 8.30 5.35 -18.61
N GLY A 140 8.53 4.07 -18.42
CA GLY A 140 9.86 3.56 -18.10
C GLY A 140 10.31 3.62 -16.65
N GLY A 141 9.67 4.40 -15.79
CA GLY A 141 10.06 4.47 -14.38
C GLY A 141 9.72 3.13 -13.72
N PRO A 142 10.44 2.85 -12.63
CA PRO A 142 10.29 1.59 -11.91
C PRO A 142 9.09 1.53 -10.98
N LEU A 143 8.44 0.37 -10.91
CA LEU A 143 7.59 -0.05 -9.82
C LEU A 143 8.41 -0.91 -8.85
N LEU A 144 8.34 -0.55 -7.60
CA LEU A 144 9.28 -1.05 -6.60
C LEU A 144 8.53 -1.75 -5.46
N CYS A 145 9.09 -2.82 -4.95
CA CYS A 145 8.73 -3.36 -3.64
C CYS A 145 9.37 -2.58 -2.49
N PRO A 146 8.94 -2.84 -1.27
CA PRO A 146 9.35 -2.03 -0.13
C PRO A 146 10.84 -2.15 0.16
N SER A 147 11.40 -3.29 -0.18
CA SER A 147 12.85 -3.52 -0.05
C SER A 147 13.64 -2.80 -1.13
N GLY A 148 12.97 -2.21 -2.12
CA GLY A 148 13.63 -1.34 -3.08
C GLY A 148 13.94 -2.10 -4.36
N HIS A 149 13.56 -3.37 -4.43
CA HIS A 149 13.79 -4.17 -5.64
C HIS A 149 12.67 -3.97 -6.66
N VAL A 150 12.98 -4.19 -7.94
CA VAL A 150 12.05 -3.75 -9.00
C VAL A 150 11.09 -4.87 -9.37
N VAL A 151 9.82 -4.55 -9.56
CA VAL A 151 8.84 -5.56 -9.97
C VAL A 151 8.41 -5.34 -11.42
N GLY A 152 8.60 -4.12 -11.90
CA GLY A 152 8.02 -3.76 -13.20
C GLY A 152 8.44 -2.36 -13.63
N ILE A 153 8.03 -2.02 -14.85
CA ILE A 153 8.44 -0.70 -15.40
C ILE A 153 7.18 -0.01 -15.87
N PHE A 154 6.95 1.24 -15.45
CA PHE A 154 5.74 1.97 -15.75
C PHE A 154 5.45 2.21 -17.23
N ARG A 155 4.22 1.97 -17.66
CA ARG A 155 3.87 2.02 -19.08
C ARG A 155 2.68 2.93 -19.43
N ALA A 156 1.53 2.59 -18.81
CA ALA A 156 0.38 3.46 -19.15
C ALA A 156 -0.43 3.84 -17.92
N ALA A 157 -1.03 5.02 -17.99
CA ALA A 157 -1.94 5.49 -16.96
C ALA A 157 -3.39 5.16 -17.32
N VAL A 158 -4.08 4.52 -16.36
CA VAL A 158 -5.53 4.30 -16.68
C VAL A 158 -6.31 5.40 -15.97
N CYS A 159 -6.92 6.25 -16.81
CA CYS A 159 -7.61 7.44 -16.30
C CYS A 159 -8.99 7.73 -16.83
N THR A 160 -9.65 8.63 -16.08
CA THR A 160 -10.84 9.28 -16.62
C THR A 160 -10.88 10.75 -16.21
N ARG A 161 -11.14 11.60 -17.19
CA ARG A 161 -11.25 13.04 -17.02
C ARG A 161 -10.02 13.69 -16.42
N GLY A 162 -8.83 13.24 -16.84
CA GLY A 162 -7.57 13.84 -16.46
C GLY A 162 -6.95 13.28 -15.19
N VAL A 163 -7.66 12.36 -14.52
CA VAL A 163 -7.06 11.84 -13.30
C VAL A 163 -6.78 10.35 -13.49
N ALA A 164 -5.59 10.01 -13.01
CA ALA A 164 -5.01 8.69 -13.10
C ALA A 164 -5.36 7.91 -11.84
N LYS A 165 -6.03 6.78 -12.05
CA LYS A 165 -6.57 5.99 -10.96
C LYS A 165 -5.84 4.66 -10.93
N ALA A 166 -5.17 4.37 -12.04
CA ALA A 166 -4.48 3.04 -11.94
C ALA A 166 -3.36 3.05 -12.94
N VAL A 167 -2.50 2.04 -12.94
CA VAL A 167 -1.34 2.08 -13.84
C VAL A 167 -1.20 0.72 -14.50
N ASP A 168 -0.72 0.76 -15.74
CA ASP A 168 -0.31 -0.49 -16.41
C ASP A 168 1.21 -0.47 -16.49
N PHE A 169 1.75 -1.64 -16.18
CA PHE A 169 3.20 -1.77 -16.17
C PHE A 169 3.68 -3.08 -16.77
N ILE A 170 4.97 -3.16 -17.10
CA ILE A 170 5.58 -4.35 -17.66
C ILE A 170 6.34 -5.08 -16.54
N PRO A 171 5.89 -6.27 -16.22
CA PRO A 171 6.39 -7.03 -15.08
C PRO A 171 7.84 -7.41 -15.29
N VAL A 172 8.65 -7.42 -14.23
CA VAL A 172 10.07 -7.67 -14.36
C VAL A 172 10.35 -9.03 -14.96
N GLU A 173 9.44 -9.97 -14.71
CA GLU A 173 9.42 -11.25 -15.41
C GLU A 173 9.72 -11.10 -16.90
N SER A 174 9.11 -10.13 -17.56
CA SER A 174 9.31 -9.86 -18.98
C SER A 174 10.76 -9.55 -19.35
N MET A 175 11.59 -9.20 -18.40
CA MET A 175 12.88 -8.57 -18.63
C MET A 175 14.08 -9.50 -18.49
N ALA B 1 1.98 -0.12 3.21
CA ALA B 1 0.67 0.49 3.62
C ALA B 1 0.82 1.97 3.90
N PRO B 2 -0.15 2.76 3.45
CA PRO B 2 -0.12 4.21 3.65
C PRO B 2 -0.96 4.69 4.83
N ILE B 3 -1.74 3.81 5.43
CA ILE B 3 -2.17 3.95 6.82
C ILE B 3 -1.07 3.35 7.67
N THR B 4 -0.71 3.94 8.80
CA THR B 4 0.06 3.18 9.79
C THR B 4 -0.60 3.17 11.18
N ALA B 5 -0.08 2.35 12.10
CA ALA B 5 -0.70 2.15 13.39
C ALA B 5 0.32 1.88 14.49
N TYR B 6 0.12 2.28 15.76
CA TYR B 6 0.93 1.55 16.76
C TYR B 6 0.11 1.22 17.98
N SER B 7 0.49 0.33 18.89
CA SER B 7 -0.44 0.06 20.01
C SER B 7 0.03 0.59 21.34
N GLN B 8 -0.79 0.65 22.39
CA GLN B 8 -0.33 1.01 23.74
C GLN B 8 -1.11 0.13 24.70
N GLN B 9 -0.41 -0.72 25.44
CA GLN B 9 -1.08 -1.52 26.49
C GLN B 9 -1.54 -0.58 27.58
N THR B 10 -2.67 -0.81 28.24
CA THR B 10 -3.10 0.01 29.35
C THR B 10 -3.27 -0.86 30.60
N ARG B 11 -3.21 -2.19 30.52
CA ARG B 11 -3.59 -3.06 31.62
C ARG B 11 -2.92 -4.43 31.49
N GLY B 12 -2.84 -5.21 32.56
CA GLY B 12 -2.45 -6.61 32.51
C GLY B 12 -3.41 -7.52 33.26
N LEU B 13 -2.99 -8.74 33.61
CA LEU B 13 -3.94 -9.76 34.08
C LEU B 13 -4.69 -9.18 35.28
N LEU B 14 -3.95 -8.78 36.32
CA LEU B 14 -4.63 -8.46 37.58
C LEU B 14 -5.60 -7.31 37.37
N GLY B 15 -5.20 -6.25 36.70
CA GLY B 15 -6.10 -5.10 36.44
C GLY B 15 -7.30 -5.58 35.62
N CYS B 16 -7.04 -6.51 34.68
CA CYS B 16 -8.15 -6.85 33.79
C CYS B 16 -9.18 -7.60 34.61
N ILE B 17 -8.79 -8.74 35.16
CA ILE B 17 -9.67 -9.54 36.03
C ILE B 17 -10.46 -8.61 36.95
N ILE B 18 -9.73 -7.77 37.67
CA ILE B 18 -10.36 -6.87 38.64
C ILE B 18 -11.33 -5.88 38.03
N THR B 19 -11.13 -5.46 36.79
CA THR B 19 -12.03 -4.53 36.10
C THR B 19 -13.25 -5.22 35.50
N SER B 20 -13.11 -6.46 35.03
CA SER B 20 -14.26 -7.23 34.60
C SER B 20 -15.24 -7.46 35.73
N LEU B 21 -14.74 -7.63 36.96
CA LEU B 21 -15.56 -8.03 38.08
C LEU B 21 -16.30 -6.83 38.65
N THR B 22 -15.65 -5.67 38.64
CA THR B 22 -16.29 -4.46 39.15
C THR B 22 -16.98 -3.68 38.02
N GLY B 23 -16.50 -3.89 36.80
CA GLY B 23 -17.10 -3.22 35.64
C GLY B 23 -16.71 -1.76 35.60
N ARG B 24 -15.75 -1.38 36.44
CA ARG B 24 -15.49 0.05 36.65
C ARG B 24 -14.09 0.37 36.12
N ASP B 25 -14.05 1.21 35.10
CA ASP B 25 -12.79 1.52 34.43
C ASP B 25 -12.53 3.03 34.41
N LYS B 26 -11.56 3.50 35.16
CA LYS B 26 -11.24 4.91 35.20
C LYS B 26 -10.05 5.21 34.31
N ASN B 27 -9.47 4.23 33.63
CA ASN B 27 -8.38 4.55 32.70
C ASN B 27 -8.85 5.60 31.70
N GLN B 28 -7.87 6.34 31.18
CA GLN B 28 -8.22 7.28 30.10
C GLN B 28 -8.23 6.46 28.81
N VAL B 29 -9.19 6.77 27.95
CA VAL B 29 -9.36 6.03 26.71
C VAL B 29 -8.82 6.89 25.58
N ASP B 30 -8.22 6.25 24.57
CA ASP B 30 -7.88 6.98 23.36
C ASP B 30 -7.75 6.03 22.18
N GLY B 31 -7.67 6.59 20.97
CA GLY B 31 -7.44 5.76 19.79
C GLY B 31 -8.75 5.34 19.11
N GLU B 32 -8.59 4.77 17.92
CA GLU B 32 -9.72 4.39 17.10
C GLU B 32 -10.20 2.98 17.43
N VAL B 33 -9.25 2.14 17.85
CA VAL B 33 -9.48 0.73 18.03
C VAL B 33 -9.13 0.40 19.48
N GLN B 34 -9.99 -0.33 20.17
CA GLN B 34 -9.69 -0.65 21.57
C GLN B 34 -9.27 -2.11 21.67
N VAL B 35 -8.27 -2.42 22.47
CA VAL B 35 -7.93 -3.85 22.68
C VAL B 35 -8.75 -4.26 23.89
N LEU B 36 -9.53 -5.30 23.65
CA LEU B 36 -10.47 -5.66 24.71
C LEU B 36 -10.09 -7.09 25.08
N SER B 37 -10.55 -7.41 26.27
CA SER B 37 -10.30 -8.75 26.84
C SER B 37 -11.39 -9.15 27.83
N THR B 38 -11.78 -10.41 27.81
CA THR B 38 -12.58 -11.01 28.89
C THR B 38 -11.81 -12.16 29.51
N ALA B 39 -12.52 -13.18 29.98
CA ALA B 39 -11.90 -14.27 30.73
C ALA B 39 -11.25 -15.29 29.78
N THR B 40 -12.05 -15.79 28.87
CA THR B 40 -11.68 -16.77 27.88
C THR B 40 -11.29 -16.21 26.52
N GLN B 41 -11.43 -14.90 26.30
CA GLN B 41 -11.41 -14.40 24.93
C GLN B 41 -10.74 -13.03 24.80
N SER B 42 -9.98 -12.89 23.71
CA SER B 42 -9.42 -11.59 23.34
C SER B 42 -9.85 -11.15 21.94
N PHE B 43 -10.10 -9.83 21.81
CA PHE B 43 -10.56 -9.34 20.50
C PHE B 43 -10.46 -7.83 20.41
N LEU B 44 -10.96 -7.23 19.32
CA LEU B 44 -10.91 -5.79 19.19
C LEU B 44 -12.31 -5.18 19.07
N ALA B 45 -12.35 -3.87 19.18
CA ALA B 45 -13.53 -3.07 18.91
C ALA B 45 -13.14 -1.82 18.15
N THR B 46 -14.00 -1.46 17.19
CA THR B 46 -13.75 -0.28 16.38
C THR B 46 -14.80 0.78 16.71
N CYS B 47 -14.29 1.98 16.97
CA CYS B 47 -15.14 3.12 17.22
C CYS B 47 -15.49 3.85 15.93
N VAL B 48 -16.73 3.72 15.52
CA VAL B 48 -17.31 4.38 14.38
C VAL B 48 -18.60 5.12 14.78
N ASN B 49 -18.62 6.44 14.57
CA ASN B 49 -19.83 7.21 14.84
C ASN B 49 -20.32 7.09 16.28
N GLY B 50 -19.41 7.13 17.25
CA GLY B 50 -19.84 7.26 18.66
C GLY B 50 -20.07 5.91 19.33
N VAL B 51 -20.06 4.83 18.53
CA VAL B 51 -20.26 3.48 19.06
C VAL B 51 -19.01 2.65 18.89
N CYS B 52 -18.66 1.88 19.92
CA CYS B 52 -17.61 0.89 19.81
C CYS B 52 -18.22 -0.44 19.36
N TRP B 53 -17.79 -0.88 18.18
CA TRP B 53 -18.38 -2.08 17.58
C TRP B 53 -17.43 -3.26 17.73
N THR B 54 -17.96 -4.45 17.91
CA THR B 54 -17.13 -5.65 17.98
C THR B 54 -18.03 -6.83 17.62
N VAL B 55 -17.46 -8.01 17.74
CA VAL B 55 -18.16 -9.25 17.38
C VAL B 55 -18.95 -9.81 18.55
N TYR B 56 -20.09 -10.39 18.23
CA TYR B 56 -20.90 -11.08 19.20
C TYR B 56 -20.26 -12.36 19.70
N HIS B 57 -19.67 -13.18 18.85
CA HIS B 57 -18.97 -14.36 19.32
C HIS B 57 -17.77 -14.06 20.22
N GLY B 58 -17.37 -12.83 20.45
CA GLY B 58 -16.39 -12.54 21.49
C GLY B 58 -17.06 -11.85 22.66
N ALA B 59 -17.82 -10.78 22.44
CA ALA B 59 -18.38 -10.04 23.56
C ALA B 59 -19.60 -10.72 24.18
N GLY B 60 -20.32 -11.57 23.43
CA GLY B 60 -21.50 -12.21 24.02
C GLY B 60 -22.54 -11.13 24.27
N SER B 61 -23.18 -11.13 25.45
CA SER B 61 -24.14 -10.06 25.73
C SER B 61 -23.61 -9.13 26.82
N LYS B 62 -22.28 -9.09 26.98
CA LYS B 62 -21.69 -8.46 28.15
C LYS B 62 -21.65 -6.94 28.09
N THR B 63 -21.68 -6.32 29.28
CA THR B 63 -21.37 -4.92 29.43
C THR B 63 -19.88 -4.68 29.16
N LEU B 64 -19.54 -3.42 28.92
CA LEU B 64 -18.18 -2.93 28.80
C LEU B 64 -17.73 -2.14 30.03
N ALA B 65 -16.58 -2.41 30.63
CA ALA B 65 -16.26 -1.66 31.88
C ALA B 65 -16.05 -0.20 31.55
N GLY B 66 -16.70 0.75 32.21
CA GLY B 66 -16.60 2.18 31.87
C GLY B 66 -16.40 2.99 33.15
N PRO B 67 -16.23 4.30 33.04
CA PRO B 67 -15.75 5.14 34.13
C PRO B 67 -16.76 5.38 35.22
N LYS B 68 -18.03 5.55 34.84
CA LYS B 68 -19.15 5.43 35.79
C LYS B 68 -19.76 4.06 35.94
N GLY B 69 -19.11 2.94 35.75
CA GLY B 69 -19.71 1.63 36.03
C GLY B 69 -19.96 1.00 34.64
N PRO B 70 -20.55 -0.19 34.61
CA PRO B 70 -20.60 -0.99 33.39
C PRO B 70 -21.48 -0.36 32.33
N ILE B 71 -21.12 -0.44 31.06
CA ILE B 71 -21.99 0.09 29.99
C ILE B 71 -22.74 -1.03 29.26
N THR B 72 -24.06 -0.82 29.14
CA THR B 72 -24.93 -1.70 28.42
C THR B 72 -24.75 -1.57 26.90
N GLN B 73 -24.69 -2.70 26.19
CA GLN B 73 -24.83 -2.65 24.74
C GLN B 73 -26.06 -1.82 24.37
N MET B 74 -25.95 -0.95 23.40
CA MET B 74 -27.00 -0.20 22.75
C MET B 74 -27.44 -0.91 21.47
N TYR B 75 -26.67 -1.90 21.03
CA TYR B 75 -27.12 -2.72 19.91
C TYR B 75 -26.58 -4.13 20.03
N THR B 76 -27.39 -5.12 19.70
CA THR B 76 -27.06 -6.52 19.98
C THR B 76 -27.69 -7.35 18.87
N ASN B 77 -26.90 -7.70 17.85
CA ASN B 77 -27.47 -8.42 16.70
C ASN B 77 -26.73 -9.72 16.44
N VAL B 78 -27.31 -10.79 16.96
CA VAL B 78 -26.71 -12.12 16.92
C VAL B 78 -26.54 -12.68 15.52
N ASP B 79 -27.45 -12.35 14.60
CA ASP B 79 -27.38 -12.97 13.27
C ASP B 79 -26.18 -12.39 12.54
N GLN B 80 -26.06 -11.06 12.61
CA GLN B 80 -24.95 -10.41 11.93
C GLN B 80 -23.64 -10.54 12.68
N ASP B 81 -23.68 -11.05 13.90
CA ASP B 81 -22.54 -11.27 14.75
C ASP B 81 -21.93 -9.96 15.24
N LEU B 82 -22.80 -8.99 15.52
CA LEU B 82 -22.35 -7.60 15.71
C LEU B 82 -22.91 -7.02 16.99
N VAL B 83 -22.13 -6.45 17.88
CA VAL B 83 -22.57 -5.67 19.03
C VAL B 83 -21.88 -4.30 19.14
N GLY B 84 -22.51 -3.43 19.93
CA GLY B 84 -22.17 -2.03 20.07
C GLY B 84 -22.50 -1.52 21.47
N TRP B 85 -21.56 -0.79 22.04
CA TRP B 85 -21.72 0.10 23.17
C TRP B 85 -21.41 1.56 22.82
N PRO B 86 -22.13 2.53 23.39
CA PRO B 86 -21.80 3.94 23.22
C PRO B 86 -20.31 4.06 23.57
N ALA B 87 -19.55 4.81 22.77
CA ALA B 87 -18.09 4.76 23.01
C ALA B 87 -17.81 5.61 24.24
N PRO B 88 -17.11 5.09 25.24
CA PRO B 88 -16.62 5.97 26.31
C PRO B 88 -16.03 7.21 25.65
N PRO B 89 -16.02 8.33 26.35
CA PRO B 89 -15.41 9.54 25.81
C PRO B 89 -13.88 9.39 25.79
N GLY B 90 -13.21 9.97 24.77
CA GLY B 90 -11.79 9.69 24.61
C GLY B 90 -11.60 8.91 23.30
N ALA B 91 -12.41 7.89 23.04
CA ALA B 91 -12.28 7.08 21.84
C ALA B 91 -12.30 7.96 20.60
N ARG B 92 -11.37 7.75 19.68
CA ARG B 92 -11.38 8.53 18.43
C ARG B 92 -12.37 7.92 17.44
N SER B 93 -13.42 8.63 17.09
CA SER B 93 -14.47 8.07 16.23
C SER B 93 -14.06 8.10 14.77
N MET B 94 -14.10 6.97 14.08
CA MET B 94 -13.88 6.92 12.65
C MET B 94 -15.14 7.16 11.81
N THR B 95 -14.98 7.35 10.50
CA THR B 95 -16.13 7.49 9.63
C THR B 95 -16.26 6.33 8.64
N PRO B 96 -17.53 6.02 8.34
CA PRO B 96 -17.89 5.05 7.33
C PRO B 96 -17.35 5.37 5.95
N CYS B 97 -16.72 4.39 5.34
CA CYS B 97 -16.16 4.54 4.01
C CYS B 97 -17.27 4.44 2.98
N THR B 98 -17.35 5.49 2.14
CA THR B 98 -18.42 5.50 1.14
C THR B 98 -17.82 5.42 -0.26
N CYS B 99 -16.55 5.78 -0.40
CA CYS B 99 -15.90 5.92 -1.70
C CYS B 99 -16.19 4.75 -2.62
N GLY B 100 -15.91 3.53 -2.20
CA GLY B 100 -16.29 2.35 -3.00
C GLY B 100 -15.02 1.56 -3.28
N SER B 101 -13.93 1.94 -2.62
CA SER B 101 -12.63 1.35 -2.98
C SER B 101 -12.69 -0.15 -2.70
N SER B 102 -12.12 -0.96 -3.59
CA SER B 102 -11.94 -2.37 -3.22
C SER B 102 -10.50 -2.72 -2.83
N ASP B 103 -9.72 -1.72 -2.54
CA ASP B 103 -8.37 -1.76 -2.02
C ASP B 103 -8.34 -1.39 -0.54
N LEU B 104 -8.53 -2.39 0.32
CA LEU B 104 -8.64 -2.18 1.74
C LEU B 104 -7.44 -2.60 2.58
N TYR B 105 -7.56 -2.42 3.89
CA TYR B 105 -6.45 -2.66 4.82
C TYR B 105 -7.13 -3.31 6.04
N LEU B 106 -6.71 -4.49 6.46
CA LEU B 106 -7.03 -4.89 7.83
C LEU B 106 -6.05 -4.29 8.84
N VAL B 107 -6.57 -3.80 9.96
CA VAL B 107 -5.73 -3.42 11.09
C VAL B 107 -5.77 -4.55 12.12
N THR B 108 -4.62 -5.15 12.43
CA THR B 108 -4.60 -6.25 13.42
C THR B 108 -4.29 -5.83 14.85
N ARG B 109 -4.46 -6.75 15.82
CA ARG B 109 -4.21 -6.49 17.22
C ARG B 109 -2.75 -6.15 17.48
N HIS B 110 -1.85 -6.63 16.62
CA HIS B 110 -0.44 -6.28 16.71
C HIS B 110 -0.12 -4.97 16.01
N ALA B 111 -1.10 -4.12 15.75
CA ALA B 111 -0.95 -2.91 14.96
C ALA B 111 -0.28 -3.09 13.60
N ASP B 112 -0.44 -4.21 12.93
CA ASP B 112 -0.04 -4.31 11.53
C ASP B 112 -1.17 -3.78 10.67
N VAL B 113 -0.86 -3.14 9.54
CA VAL B 113 -1.88 -2.68 8.60
C VAL B 113 -1.74 -3.50 7.31
N ILE B 114 -2.63 -4.48 7.04
CA ILE B 114 -2.29 -5.44 5.99
C ILE B 114 -3.29 -5.36 4.84
N PRO B 115 -2.77 -5.43 3.62
CA PRO B 115 -3.53 -5.36 2.39
C PRO B 115 -4.55 -6.48 2.15
N VAL B 116 -5.75 -6.05 1.80
CA VAL B 116 -6.88 -6.93 1.58
C VAL B 116 -7.60 -6.53 0.29
N ARG B 117 -7.90 -7.43 -0.65
CA ARG B 117 -8.71 -7.00 -1.78
C ARG B 117 -10.17 -7.37 -1.61
N ARG B 118 -11.06 -6.38 -1.64
CA ARG B 118 -12.47 -6.75 -1.46
C ARG B 118 -12.89 -7.67 -2.62
N ARG B 119 -13.64 -8.71 -2.32
CA ARG B 119 -14.13 -9.67 -3.28
C ARG B 119 -15.67 -9.60 -3.38
N GLY B 120 -16.29 -9.05 -2.36
CA GLY B 120 -17.72 -9.09 -2.21
C GLY B 120 -18.19 -8.22 -1.05
N ASP B 121 -19.48 -8.31 -0.76
CA ASP B 121 -20.06 -7.40 0.23
C ASP B 121 -19.29 -7.56 1.53
N SER B 122 -19.02 -8.81 1.93
CA SER B 122 -18.47 -9.02 3.26
C SER B 122 -17.24 -9.92 3.25
N ARG B 123 -16.43 -9.85 2.21
CA ARG B 123 -15.40 -10.87 1.95
C ARG B 123 -14.21 -10.21 1.26
N GLY B 124 -12.97 -10.41 1.69
CA GLY B 124 -11.82 -9.86 1.00
C GLY B 124 -10.68 -10.88 1.02
N SER B 125 -9.87 -10.94 -0.02
CA SER B 125 -8.67 -11.79 0.07
C SER B 125 -7.46 -11.06 0.66
N LEU B 126 -6.71 -11.79 1.49
CA LEU B 126 -5.38 -11.32 1.92
C LEU B 126 -4.38 -11.37 0.79
N LEU B 127 -3.90 -10.29 0.23
CA LEU B 127 -2.82 -10.28 -0.74
C LEU B 127 -1.58 -11.04 -0.34
N SER B 128 -1.22 -11.11 0.93
CA SER B 128 -0.19 -12.07 1.37
C SER B 128 -0.69 -12.97 2.48
N PRO B 129 -0.84 -14.28 2.25
CA PRO B 129 -1.48 -15.13 3.24
C PRO B 129 -0.77 -15.07 4.58
N ARG B 130 -1.50 -15.31 5.66
CA ARG B 130 -1.07 -15.23 7.04
C ARG B 130 -1.50 -16.47 7.81
N PRO B 131 -0.68 -16.98 8.72
CA PRO B 131 -1.15 -17.97 9.68
C PRO B 131 -2.38 -17.45 10.43
N VAL B 132 -3.36 -18.32 10.68
CA VAL B 132 -4.51 -17.95 11.49
C VAL B 132 -4.09 -17.39 12.83
N SER B 133 -2.99 -17.86 13.41
CA SER B 133 -2.66 -17.55 14.81
C SER B 133 -2.13 -16.13 14.91
N TYR B 134 -1.76 -15.66 13.71
CA TYR B 134 -1.39 -14.26 13.64
C TYR B 134 -2.66 -13.40 13.68
N LEU B 135 -3.78 -13.96 13.24
CA LEU B 135 -5.04 -13.19 13.30
C LEU B 135 -5.79 -13.37 14.62
N LYS B 136 -5.47 -14.35 15.48
CA LYS B 136 -6.24 -14.55 16.68
C LYS B 136 -6.09 -13.26 17.48
N GLY B 137 -7.18 -12.78 18.04
CA GLY B 137 -7.18 -11.56 18.82
C GLY B 137 -7.50 -10.34 17.96
N SER B 138 -7.80 -10.51 16.67
CA SER B 138 -8.00 -9.33 15.83
C SER B 138 -9.46 -9.22 15.40
N SER B 139 -10.27 -10.22 15.75
CA SER B 139 -11.70 -10.15 15.52
C SER B 139 -12.19 -8.84 16.08
N GLY B 140 -13.03 -8.14 15.30
CA GLY B 140 -13.47 -6.81 15.76
C GLY B 140 -12.65 -5.70 15.12
N GLY B 141 -11.46 -6.01 14.58
CA GLY B 141 -10.68 -4.91 13.97
C GLY B 141 -11.31 -4.44 12.66
N PRO B 142 -10.87 -3.25 12.31
CA PRO B 142 -11.48 -2.49 11.21
C PRO B 142 -10.78 -2.85 9.90
N LEU B 143 -11.55 -3.00 8.84
CA LEU B 143 -11.08 -3.00 7.47
C LEU B 143 -11.27 -1.59 6.92
N LEU B 144 -10.22 -0.98 6.40
CA LEU B 144 -10.18 0.42 6.03
C LEU B 144 -10.07 0.58 4.50
N CYS B 145 -10.65 1.63 3.97
CA CYS B 145 -10.32 2.09 2.63
C CYS B 145 -9.07 2.96 2.75
N PRO B 146 -8.42 3.27 1.64
CA PRO B 146 -7.13 3.92 1.63
C PRO B 146 -7.10 5.31 2.22
N SER B 147 -8.25 5.95 2.34
CA SER B 147 -8.37 7.21 3.06
C SER B 147 -8.58 7.04 4.55
N GLY B 148 -8.56 5.80 5.04
CA GLY B 148 -8.62 5.52 6.45
C GLY B 148 -10.04 5.35 6.97
N HIS B 149 -11.04 5.48 6.10
CA HIS B 149 -12.43 5.35 6.55
C HIS B 149 -12.80 3.87 6.65
N VAL B 150 -13.83 3.57 7.44
CA VAL B 150 -14.09 2.17 7.78
C VAL B 150 -15.08 1.51 6.82
N VAL B 151 -14.75 0.38 6.23
CA VAL B 151 -15.65 -0.37 5.36
C VAL B 151 -16.34 -1.47 6.16
N GLY B 152 -15.68 -1.86 7.27
CA GLY B 152 -16.21 -3.01 8.03
C GLY B 152 -15.29 -3.47 9.15
N ILE B 153 -15.65 -4.57 9.78
CA ILE B 153 -15.03 -5.03 11.02
C ILE B 153 -14.68 -6.51 10.97
N PHE B 154 -13.39 -6.88 11.17
CA PHE B 154 -12.95 -8.25 10.96
C PHE B 154 -13.78 -9.27 11.74
N ARG B 155 -14.13 -10.43 11.15
CA ARG B 155 -14.93 -11.40 11.86
C ARG B 155 -14.42 -12.83 11.77
N ALA B 156 -13.89 -13.24 10.60
CA ALA B 156 -13.49 -14.62 10.43
C ALA B 156 -12.47 -14.79 9.32
N ALA B 157 -11.54 -15.72 9.51
CA ALA B 157 -10.47 -16.02 8.56
C ALA B 157 -10.74 -17.27 7.73
N VAL B 158 -10.90 -17.23 6.42
CA VAL B 158 -11.03 -18.48 5.66
C VAL B 158 -9.66 -19.07 5.35
N CYS B 159 -9.46 -20.25 5.96
CA CYS B 159 -8.17 -20.85 6.16
C CYS B 159 -8.15 -22.28 5.63
N THR B 160 -6.92 -22.74 5.45
CA THR B 160 -6.60 -24.08 5.03
C THR B 160 -5.26 -24.41 5.66
N ARG B 161 -5.18 -25.54 6.37
CA ARG B 161 -3.94 -25.93 7.03
C ARG B 161 -3.26 -24.80 7.77
N GLY B 162 -4.01 -24.01 8.51
CA GLY B 162 -3.57 -23.00 9.44
C GLY B 162 -3.16 -21.71 8.76
N VAL B 163 -3.34 -21.65 7.42
CA VAL B 163 -2.99 -20.36 6.81
C VAL B 163 -4.25 -19.69 6.28
N ALA B 164 -4.27 -18.38 6.48
CA ALA B 164 -5.37 -17.51 6.17
C ALA B 164 -5.14 -16.84 4.81
N LYS B 165 -6.03 -17.12 3.86
CA LYS B 165 -5.97 -16.61 2.52
C LYS B 165 -7.00 -15.51 2.31
N ALA B 166 -8.06 -15.49 3.12
CA ALA B 166 -9.07 -14.45 2.98
C ALA B 166 -9.76 -14.22 4.32
N VAL B 167 -10.60 -13.18 4.38
CA VAL B 167 -11.28 -12.82 5.61
C VAL B 167 -12.77 -12.56 5.42
N ASP B 168 -13.51 -12.90 6.45
CA ASP B 168 -14.96 -12.62 6.44
C ASP B 168 -15.15 -11.40 7.34
N PHE B 169 -15.88 -10.43 6.84
CA PHE B 169 -16.12 -9.23 7.63
C PHE B 169 -17.57 -8.75 7.57
N ILE B 170 -17.92 -7.96 8.59
CA ILE B 170 -19.23 -7.35 8.70
C ILE B 170 -19.21 -5.93 8.15
N PRO B 171 -19.88 -5.72 7.02
CA PRO B 171 -19.97 -4.42 6.38
C PRO B 171 -20.45 -3.31 7.27
N VAL B 172 -19.82 -2.16 7.16
CA VAL B 172 -20.22 -0.96 7.88
C VAL B 172 -21.68 -0.59 7.69
N GLU B 173 -22.25 -0.99 6.57
CA GLU B 173 -23.66 -0.80 6.25
C GLU B 173 -24.58 -1.31 7.36
N SER B 174 -24.38 -2.55 7.77
CA SER B 174 -24.97 -3.19 8.92
C SER B 174 -24.90 -2.40 10.23
N MET B 175 -24.03 -1.41 10.34
CA MET B 175 -23.76 -0.68 11.55
C MET B 175 -24.50 0.65 11.64
N GLY C 2 18.54 9.58 -35.19
CA GLY C 2 18.42 10.43 -33.95
C GLY C 2 18.40 9.55 -32.69
N SER C 3 19.45 9.62 -31.90
CA SER C 3 19.59 8.83 -30.68
C SER C 3 18.79 9.36 -29.50
N VAL C 4 18.30 8.47 -28.65
CA VAL C 4 17.83 8.75 -27.31
C VAL C 4 18.99 9.29 -26.47
N VAL C 5 18.70 10.31 -25.67
CA VAL C 5 19.73 10.97 -24.85
C VAL C 5 19.34 10.98 -23.37
N ILE C 6 20.24 10.63 -22.48
CA ILE C 6 20.10 10.81 -21.04
C ILE C 6 20.21 12.28 -20.65
N VAL C 7 19.15 12.86 -20.13
CA VAL C 7 19.15 14.29 -19.79
C VAL C 7 19.23 14.47 -18.28
N GLY C 8 19.17 13.35 -17.54
CA GLY C 8 19.29 13.57 -16.06
C GLY C 8 19.27 12.25 -15.33
N ARG C 9 19.03 12.19 -14.02
CA ARG C 9 19.01 10.87 -13.38
C ARG C 9 18.37 10.96 -11.99
N ILE C 10 17.80 9.84 -11.57
CA ILE C 10 17.12 9.72 -10.27
C ILE C 10 17.90 8.72 -9.42
N ILE C 11 18.36 9.18 -8.25
CA ILE C 11 19.22 8.39 -7.37
C ILE C 11 18.37 7.77 -6.26
N LEU C 12 18.44 6.46 -6.03
CA LEU C 12 17.39 5.83 -5.20
C LEU C 12 17.97 5.36 -3.88
N SER C 13 17.15 5.15 -2.86
CA SER C 13 17.66 5.13 -1.49
C SER C 13 16.76 4.45 -0.48
N GLY D 2 -19.36 -10.77 34.46
CA GLY D 2 -18.01 -10.35 33.95
C GLY D 2 -18.16 -9.29 32.85
N SER D 3 -17.60 -8.11 33.08
CA SER D 3 -17.57 -7.08 32.04
C SER D 3 -16.43 -7.28 31.04
N VAL D 4 -16.62 -6.89 29.77
CA VAL D 4 -15.51 -6.78 28.84
C VAL D 4 -14.58 -5.64 29.22
N VAL D 5 -13.26 -5.88 29.18
CA VAL D 5 -12.35 -4.81 29.60
C VAL D 5 -11.52 -4.25 28.44
N ILE D 6 -11.34 -2.94 28.34
CA ILE D 6 -10.35 -2.33 27.46
C ILE D 6 -8.94 -2.42 28.04
N VAL D 7 -8.08 -3.25 27.43
CA VAL D 7 -6.80 -3.51 28.05
C VAL D 7 -5.66 -2.78 27.34
N GLY D 8 -5.96 -2.11 26.24
CA GLY D 8 -4.96 -1.42 25.42
C GLY D 8 -5.64 -0.68 24.27
N ARG D 9 -4.89 0.00 23.38
CA ARG D 9 -5.49 0.60 22.20
C ARG D 9 -4.56 0.74 21.01
N ILE D 10 -5.20 0.95 19.84
CA ILE D 10 -4.42 1.13 18.60
C ILE D 10 -4.73 2.51 18.02
N ILE D 11 -3.68 3.28 17.84
CA ILE D 11 -3.81 4.63 17.31
C ILE D 11 -3.42 4.63 15.84
N LEU D 12 -4.34 5.15 15.03
CA LEU D 12 -4.29 5.05 13.60
C LEU D 12 -3.71 6.29 12.91
N SER D 13 -2.84 6.00 11.92
CA SER D 13 -2.20 7.07 11.18
C SER D 13 -2.15 6.83 9.68
#